data_7UCE
#
_entry.id   7UCE
#
_cell.length_a   66.603
_cell.length_b   118.424
_cell.length_c   119.656
_cell.angle_alpha   90.000
_cell.angle_beta   90.000
_cell.angle_gamma   90.000
#
_symmetry.space_group_name_H-M   'C 2 2 21'
#
loop_
_entity.id
_entity.type
_entity.pdbx_description
1 polymer 'BG24 Fab light chain'
2 polymer 'BG24 Fab heavy chain'
3 branched 2-acetamido-2-deoxy-beta-D-glucopyranose-(1-4)-2-acetamido-2-deoxy-beta-D-glucopyranose
4 water water
#
loop_
_entity_poly.entity_id
_entity_poly.type
_entity_poly.pdbx_seq_one_letter_code
_entity_poly.pdbx_strand_id
1 'polypeptide(L)'
;QSALTQPRSVSGSPGQSVNISCTGAYSGLGWYQQHPGRAPKLIIYEVNRRPSGVSDRFSGSKSGNTASLTISGLRTEDEA
DYFCSAFEYFGEGTKLTVLSQPKAAPSVTLFPPSSEELQANKATLVCLISDFYPGAVTVAWKADSSPVKAGVETTTPSKQ
SNNKYAASSYLSLTPEQWKSHKSYSCQVTHEGSTVEKTVAPTECS
;
L
2 'polypeptide(L)'
;QVQLVQSRAEVKKPGASVKVSCEASGYNFVDHYIHWVRQAPGQRPQWVGWMNPRGGGVNYAQRFQGRVTMTRDTSIDTAY
MQLNRLTSGDTAVYYCATQVKLDSSAGYPFDIWGQGTMVTVSSASTKGPSVFPLAPSSKSTSGGTAALGCLVKDYFPEPV
TVSWNSGALTSGVHTFPAVLQSSGLYSLSSVVTVPSSSLGTQTYICNVNHKPSNTKVDKKVEPKSCDKHHHHHH
;
H
#
loop_
_chem_comp.id
_chem_comp.type
_chem_comp.name
_chem_comp.formula
NAG D-saccharide, beta linking 2-acetamido-2-deoxy-beta-D-glucopyranose 'C8 H15 N O6'
#
# COMPACT_ATOMS: atom_id res chain seq x y z
N SER A 2 -7.58 -25.52 1.32
CA SER A 2 -8.55 -24.84 2.17
C SER A 2 -8.78 -23.41 1.71
N ALA A 3 -9.87 -23.20 0.99
CA ALA A 3 -10.23 -21.90 0.43
C ALA A 3 -11.29 -21.25 1.32
N LEU A 4 -10.87 -20.27 2.11
CA LEU A 4 -11.78 -19.47 2.92
C LEU A 4 -12.08 -18.18 2.18
N THR A 5 -13.35 -17.82 2.07
CA THR A 5 -13.77 -16.63 1.35
C THR A 5 -14.55 -15.71 2.29
N GLN A 6 -14.20 -14.43 2.27
CA GLN A 6 -14.88 -13.41 3.06
C GLN A 6 -15.11 -12.20 2.18
N PRO A 7 -16.12 -11.38 2.49
CA PRO A 7 -16.39 -10.20 1.66
C PRO A 7 -15.19 -9.26 1.59
N ARG A 8 -15.15 -8.48 0.51
CA ARG A 8 -13.99 -7.62 0.29
C ARG A 8 -14.01 -6.42 1.24
N SER A 9 -15.18 -5.87 1.52
CA SER A 9 -15.27 -4.67 2.35
C SER A 9 -16.60 -4.63 3.08
N VAL A 10 -16.57 -4.11 4.30
CA VAL A 10 -17.75 -3.77 5.08
C VAL A 10 -17.55 -2.38 5.66
N SER A 11 -18.67 -1.72 5.97
CA SER A 11 -18.62 -0.35 6.46
C SER A 11 -19.56 -0.18 7.63
N GLY A 12 -19.32 0.87 8.42
CA GLY A 12 -20.18 1.20 9.54
C GLY A 12 -19.81 2.56 10.08
N SER A 13 -20.71 3.12 10.88
CA SER A 13 -20.52 4.40 11.52
C SER A 13 -20.13 4.22 12.98
N PRO A 14 -19.60 5.25 13.64
CA PRO A 14 -19.16 5.09 15.04
C PRO A 14 -20.33 4.71 15.95
N GLY A 15 -20.08 3.72 16.80
CA GLY A 15 -21.04 3.32 17.81
C GLY A 15 -21.99 2.21 17.40
N GLN A 16 -22.04 1.84 16.12
CA GLN A 16 -22.95 0.79 15.70
C GLN A 16 -22.20 -0.53 15.54
N SER A 17 -22.92 -1.55 15.10
CA SER A 17 -22.38 -2.91 14.99
C SER A 17 -22.22 -3.29 13.53
N VAL A 18 -21.12 -4.01 13.25
CA VAL A 18 -20.86 -4.56 11.93
C VAL A 18 -20.31 -5.97 12.15
N ASN A 19 -20.63 -6.88 11.23
CA ASN A 19 -20.07 -8.22 11.31
C ASN A 19 -19.49 -8.63 9.96
N ILE A 20 -18.52 -9.55 10.02
CA ILE A 20 -17.81 -10.05 8.84
C ILE A 20 -17.93 -11.55 8.83
N SER A 21 -18.46 -12.10 7.75
CA SER A 21 -18.60 -13.53 7.59
C SER A 21 -17.36 -14.12 6.91
N CYS A 22 -17.16 -15.41 7.11
CA CYS A 22 -16.04 -16.12 6.49
C CYS A 22 -16.52 -17.53 6.22
N THR A 23 -16.63 -17.90 4.94
CA THR A 23 -17.13 -19.20 4.54
C THR A 23 -16.00 -20.08 4.04
N GLY A 24 -16.02 -21.33 4.46
CA GLY A 24 -15.00 -22.29 4.12
C GLY A 24 -14.86 -23.32 5.22
N ALA A 25 -14.21 -24.43 4.88
CA ALA A 25 -14.03 -25.50 5.85
C ALA A 25 -13.15 -25.05 7.00
N TYR A 26 -13.53 -25.43 8.22
CA TYR A 26 -12.80 -25.12 9.45
C TYR A 26 -12.69 -23.62 9.69
N SER A 27 -13.57 -22.82 9.09
CA SER A 27 -13.49 -21.37 9.23
C SER A 27 -13.77 -20.97 10.67
N GLY A 28 -13.25 -19.79 11.04
CA GLY A 28 -13.47 -19.25 12.36
C GLY A 28 -12.50 -19.74 13.42
N LEU A 29 -11.62 -20.68 13.10
CA LEU A 29 -10.61 -21.09 14.07
C LEU A 29 -9.61 -19.97 14.35
N GLY A 30 -9.56 -18.96 13.50
CA GLY A 30 -8.75 -17.78 13.74
C GLY A 30 -9.33 -16.54 13.09
N TRP A 31 -9.30 -15.43 13.82
CA TRP A 31 -9.69 -14.12 13.31
C TRP A 31 -8.58 -13.14 13.65
N TYR A 32 -8.07 -12.46 12.65
CA TYR A 32 -6.97 -11.50 12.83
C TYR A 32 -7.43 -10.11 12.42
N GLN A 33 -7.07 -9.12 13.23
CA GLN A 33 -7.19 -7.71 12.87
C GLN A 33 -5.81 -7.17 12.57
N GLN A 34 -5.69 -6.37 11.50
CA GLN A 34 -4.40 -5.84 11.11
C GLN A 34 -4.54 -4.38 10.68
N HIS A 35 -3.78 -3.49 11.34
CA HIS A 35 -3.59 -2.09 11.01
C HIS A 35 -2.35 -1.94 10.12
N PRO A 36 -2.32 -0.90 9.28
CA PRO A 36 -1.21 -0.75 8.33
C PRO A 36 0.15 -0.71 9.02
N GLY A 37 1.13 -1.36 8.40
CA GLY A 37 2.47 -1.39 8.94
C GLY A 37 2.64 -2.15 10.23
N ARG A 38 1.70 -3.03 10.58
CA ARG A 38 1.79 -3.75 11.85
C ARG A 38 1.47 -5.22 11.63
N ALA A 39 1.90 -6.03 12.61
CA ALA A 39 1.64 -7.45 12.57
C ALA A 39 0.15 -7.72 12.79
N PRO A 40 -0.37 -8.81 12.22
CA PRO A 40 -1.74 -9.21 12.54
C PRO A 40 -1.90 -9.47 14.03
N LYS A 41 -3.02 -9.01 14.59
CA LYS A 41 -3.33 -9.19 15.99
C LYS A 41 -4.48 -10.18 16.09
N LEU A 42 -4.19 -11.35 16.66
CA LEU A 42 -5.24 -12.33 16.89
C LEU A 42 -6.26 -11.75 17.87
N ILE A 43 -7.53 -11.77 17.48
CA ILE A 43 -8.57 -11.22 18.34
C ILE A 43 -9.55 -12.31 18.77
N ILE A 44 -9.76 -13.31 17.91
CA ILE A 44 -10.69 -14.41 18.17
C ILE A 44 -10.01 -15.72 17.78
N TYR A 45 -10.18 -16.76 18.60
CA TYR A 45 -9.76 -18.10 18.23
C TYR A 45 -10.80 -19.10 18.71
N GLU A 46 -10.84 -20.25 18.01
CA GLU A 46 -11.81 -21.31 18.30
C GLU A 46 -13.23 -20.78 18.24
N VAL A 47 -13.52 -20.02 17.18
CA VAL A 47 -14.85 -19.53 16.82
C VAL A 47 -15.26 -18.34 17.69
N ASN A 48 -15.13 -18.47 19.02
CA ASN A 48 -15.77 -17.49 19.89
C ASN A 48 -14.95 -17.09 21.12
N ARG A 49 -13.64 -17.32 21.13
CA ARG A 49 -12.83 -17.06 22.32
C ARG A 49 -11.85 -15.92 22.06
N ARG A 50 -11.75 -14.99 23.02
CA ARG A 50 -10.80 -13.88 22.97
C ARG A 50 -9.55 -14.19 23.77
N PRO A 51 -8.36 -13.88 23.24
CA PRO A 51 -7.15 -13.94 24.06
C PRO A 51 -7.13 -12.78 25.05
N SER A 52 -6.25 -12.90 26.04
CA SER A 52 -6.12 -11.83 27.02
C SER A 52 -5.55 -10.58 26.37
N GLY A 53 -6.13 -9.43 26.70
CA GLY A 53 -5.75 -8.18 26.10
C GLY A 53 -6.61 -7.73 24.94
N VAL A 54 -7.50 -8.60 24.45
CA VAL A 54 -8.41 -8.29 23.35
C VAL A 54 -9.73 -7.81 23.93
N SER A 55 -10.29 -6.75 23.33
CA SER A 55 -11.42 -6.05 23.91
C SER A 55 -12.68 -6.91 23.98
N ASP A 56 -13.55 -6.57 24.92
CA ASP A 56 -14.87 -7.17 25.03
C ASP A 56 -15.68 -6.99 23.75
N ARG A 57 -15.47 -5.88 23.03
CA ARG A 57 -16.35 -5.52 21.93
C ARG A 57 -16.28 -6.47 20.75
N PHE A 58 -15.21 -7.26 20.62
CA PHE A 58 -15.07 -8.22 19.53
C PHE A 58 -15.67 -9.56 19.95
N SER A 59 -16.55 -10.10 19.11
CA SER A 59 -17.22 -11.36 19.41
C SER A 59 -17.18 -12.25 18.17
N GLY A 60 -17.26 -13.55 18.42
CA GLY A 60 -17.25 -14.52 17.34
C GLY A 60 -18.40 -15.50 17.46
N SER A 61 -18.85 -15.99 16.30
CA SER A 61 -19.89 -17.02 16.24
C SER A 61 -19.71 -17.78 14.94
N LYS A 62 -20.60 -18.75 14.71
CA LYS A 62 -20.50 -19.58 13.52
C LYS A 62 -21.82 -20.30 13.29
N SER A 63 -22.29 -20.29 12.04
CA SER A 63 -23.52 -20.97 11.66
C SER A 63 -23.24 -21.81 10.42
N GLY A 64 -23.44 -23.11 10.53
CA GLY A 64 -23.14 -24.01 9.42
C GLY A 64 -21.69 -23.91 8.98
N ASN A 65 -21.48 -23.44 7.75
CA ASN A 65 -20.15 -23.34 7.17
C ASN A 65 -19.53 -21.96 7.34
N THR A 66 -20.23 -21.02 7.98
CA THR A 66 -19.88 -19.61 7.91
C THR A 66 -19.70 -19.04 9.32
N ALA A 67 -18.44 -18.81 9.70
CA ALA A 67 -18.17 -18.09 10.94
C ALA A 67 -18.34 -16.60 10.73
N SER A 68 -18.72 -15.89 11.80
CA SER A 68 -18.96 -14.46 11.74
C SER A 68 -18.23 -13.76 12.87
N LEU A 69 -17.52 -12.69 12.54
CA LEU A 69 -16.87 -11.83 13.51
C LEU A 69 -17.71 -10.57 13.68
N THR A 70 -18.20 -10.32 14.89
CA THR A 70 -19.03 -9.16 15.17
C THR A 70 -18.24 -8.14 15.96
N ILE A 71 -18.24 -6.88 15.51
CA ILE A 71 -17.62 -5.77 16.22
C ILE A 71 -18.74 -4.82 16.63
N SER A 72 -18.97 -4.72 17.93
CA SER A 72 -19.99 -3.84 18.47
C SER A 72 -19.35 -2.57 19.02
N GLY A 73 -20.15 -1.52 19.13
CA GLY A 73 -19.67 -0.22 19.55
C GLY A 73 -18.50 0.26 18.71
N LEU A 74 -18.71 0.29 17.40
CA LEU A 74 -17.64 0.60 16.45
C LEU A 74 -16.93 1.90 16.79
N ARG A 75 -15.61 1.80 16.97
CA ARG A 75 -14.75 2.96 17.11
C ARG A 75 -13.92 3.13 15.83
N THR A 76 -13.31 4.31 15.70
CA THR A 76 -12.40 4.52 14.58
C THR A 76 -11.12 3.69 14.73
N GLU A 77 -10.80 3.26 15.96
CA GLU A 77 -9.71 2.32 16.15
C GLU A 77 -9.94 1.03 15.38
N ASP A 78 -11.19 0.68 15.11
CA ASP A 78 -11.52 -0.60 14.49
C ASP A 78 -11.25 -0.64 13.00
N GLU A 79 -11.19 0.51 12.32
CA GLU A 79 -10.86 0.53 10.90
C GLU A 79 -9.54 -0.19 10.66
N ALA A 80 -9.61 -1.28 9.91
CA ALA A 80 -8.48 -2.20 9.77
C ALA A 80 -8.83 -3.26 8.74
N ASP A 81 -7.87 -4.11 8.44
CA ASP A 81 -8.09 -5.31 7.65
C ASP A 81 -8.32 -6.49 8.60
N TYR A 82 -9.30 -7.33 8.26
CA TYR A 82 -9.67 -8.47 9.09
C TYR A 82 -9.55 -9.75 8.29
N PHE A 83 -8.82 -10.72 8.83
CA PHE A 83 -8.52 -11.98 8.15
C PHE A 83 -9.05 -13.12 8.99
N CYS A 84 -9.79 -14.04 8.36
CA CYS A 84 -10.03 -15.32 9.01
C CYS A 84 -8.94 -16.31 8.60
N SER A 85 -8.81 -17.37 9.38
CA SER A 85 -7.75 -18.33 9.14
C SER A 85 -8.17 -19.70 9.63
N ALA A 86 -7.72 -20.73 8.93
CA ALA A 86 -7.92 -22.12 9.33
C ALA A 86 -6.57 -22.81 9.20
N PHE A 87 -5.95 -23.10 10.34
CA PHE A 87 -4.62 -23.69 10.37
C PHE A 87 -3.65 -22.85 9.55
N GLU A 88 -3.10 -23.41 8.47
CA GLU A 88 -2.10 -22.69 7.68
C GLU A 88 -2.71 -21.65 6.74
N TYR A 89 -3.99 -21.74 6.44
CA TYR A 89 -4.59 -20.97 5.36
C TYR A 89 -5.28 -19.72 5.88
N PHE A 90 -5.36 -18.71 5.03
CA PHE A 90 -5.95 -17.42 5.36
C PHE A 90 -7.02 -17.07 4.34
N GLY A 91 -8.04 -16.34 4.79
CA GLY A 91 -8.96 -15.71 3.86
C GLY A 91 -8.30 -14.53 3.15
N GLU A 92 -8.98 -13.99 2.14
CA GLU A 92 -8.39 -12.91 1.36
C GLU A 92 -8.38 -11.59 2.12
N GLY A 93 -9.24 -11.43 3.12
CA GLY A 93 -9.22 -10.22 3.91
C GLY A 93 -10.42 -9.33 3.64
N THR A 94 -10.89 -8.66 4.68
CA THR A 94 -12.00 -7.72 4.61
C THR A 94 -11.53 -6.40 5.18
N LYS A 95 -11.56 -5.35 4.36
CA LYS A 95 -11.29 -4.01 4.85
C LYS A 95 -12.56 -3.47 5.50
N LEU A 96 -12.46 -3.07 6.76
CA LEU A 96 -13.57 -2.45 7.46
C LEU A 96 -13.35 -0.95 7.48
N THR A 97 -14.31 -0.19 6.98
CA THR A 97 -14.24 1.27 6.91
C THR A 97 -15.22 1.83 7.93
N VAL A 98 -14.69 2.43 8.99
CA VAL A 98 -15.50 3.14 9.97
C VAL A 98 -15.64 4.57 9.47
N LEU A 99 -16.87 4.95 9.11
CA LEU A 99 -17.14 6.25 8.49
C LEU A 99 -17.03 7.34 9.55
N SER A 100 -15.94 8.10 9.52
CA SER A 100 -15.61 9.07 10.56
C SER A 100 -15.87 10.51 10.13
N GLN A 101 -16.26 10.76 8.89
CA GLN A 101 -16.43 12.13 8.41
C GLN A 101 -17.38 12.11 7.22
N PRO A 102 -17.98 13.26 6.88
CA PRO A 102 -18.97 13.27 5.80
C PRO A 102 -18.39 12.79 4.48
N LYS A 103 -19.27 12.23 3.64
CA LYS A 103 -18.86 11.78 2.31
C LYS A 103 -18.44 13.00 1.48
N ALA A 104 -17.25 12.92 0.89
CA ALA A 104 -16.69 14.02 0.12
C ALA A 104 -16.22 13.52 -1.23
N ALA A 105 -16.70 14.16 -2.30
CA ALA A 105 -16.37 13.74 -3.65
C ALA A 105 -14.96 14.17 -4.02
N PRO A 106 -14.29 13.43 -4.91
CA PRO A 106 -12.91 13.77 -5.26
C PRO A 106 -12.85 14.94 -6.23
N SER A 107 -11.85 15.79 -6.04
CA SER A 107 -11.50 16.82 -7.02
C SER A 107 -10.34 16.31 -7.85
N VAL A 108 -10.43 16.49 -9.17
CA VAL A 108 -9.57 15.81 -10.12
C VAL A 108 -8.86 16.84 -10.99
N THR A 109 -7.55 16.64 -11.19
CA THR A 109 -6.74 17.50 -12.05
C THR A 109 -5.89 16.64 -12.97
N LEU A 110 -5.94 16.93 -14.26
CA LEU A 110 -5.32 16.12 -15.30
C LEU A 110 -4.32 16.97 -16.08
N PHE A 111 -3.04 16.60 -16.00
CA PHE A 111 -2.10 17.36 -16.83
C PHE A 111 -1.69 16.55 -18.05
N PRO A 112 -1.55 17.21 -19.20
CA PRO A 112 -1.06 16.53 -20.40
C PRO A 112 0.45 16.40 -20.35
N PRO A 113 1.07 15.66 -21.28
CA PRO A 113 2.53 15.61 -21.31
C PRO A 113 3.11 17.00 -21.54
N SER A 114 4.22 17.28 -20.87
CA SER A 114 4.92 18.54 -21.07
C SER A 114 5.68 18.50 -22.39
N SER A 115 5.95 19.69 -22.92
CA SER A 115 6.71 19.78 -24.16
C SER A 115 8.11 19.23 -24.00
N GLU A 116 8.71 19.39 -22.81
CA GLU A 116 10.06 18.88 -22.60
C GLU A 116 10.08 17.36 -22.49
N GLU A 117 9.03 16.77 -21.91
CA GLU A 117 8.94 15.32 -21.89
C GLU A 117 8.73 14.76 -23.29
N LEU A 118 7.94 15.46 -24.11
CA LEU A 118 7.70 14.99 -25.48
C LEU A 118 8.96 15.08 -26.32
N GLN A 119 9.76 16.15 -26.14
CA GLN A 119 11.01 16.26 -26.89
C GLN A 119 12.00 15.17 -26.50
N ALA A 120 11.79 14.53 -25.35
CA ALA A 120 12.57 13.38 -24.92
C ALA A 120 11.95 12.05 -25.36
N ASN A 121 10.93 12.10 -26.21
CA ASN A 121 10.31 10.90 -26.79
C ASN A 121 9.60 10.05 -25.72
N LYS A 122 8.88 10.72 -24.81
CA LYS A 122 8.01 10.04 -23.86
C LYS A 122 6.82 10.97 -23.58
N ALA A 123 5.73 10.38 -23.09
CA ALA A 123 4.53 11.13 -22.75
C ALA A 123 3.90 10.52 -21.51
N THR A 124 3.74 11.33 -20.47
CA THR A 124 3.02 10.92 -19.26
C THR A 124 1.82 11.84 -19.06
N LEU A 125 0.64 11.24 -18.89
CA LEU A 125 -0.52 11.95 -18.38
C LEU A 125 -0.60 11.74 -16.88
N VAL A 126 -0.91 12.81 -16.16
CA VAL A 126 -0.87 12.82 -14.71
C VAL A 126 -2.25 13.21 -14.21
N CYS A 127 -2.96 12.26 -13.60
CA CYS A 127 -4.30 12.49 -13.05
C CYS A 127 -4.20 12.53 -11.54
N LEU A 128 -4.45 13.71 -10.96
CA LEU A 128 -4.31 13.95 -9.53
C LEU A 128 -5.69 14.00 -8.88
N ILE A 129 -5.90 13.15 -7.88
CA ILE A 129 -7.20 12.99 -7.23
C ILE A 129 -7.02 13.29 -5.75
N SER A 130 -7.77 14.27 -5.24
CA SER A 130 -7.58 14.73 -3.87
C SER A 130 -8.92 14.99 -3.18
N ASP A 131 -8.85 15.14 -1.86
CA ASP A 131 -9.94 15.68 -1.03
C ASP A 131 -11.20 14.80 -1.05
N PHE A 132 -11.03 13.48 -1.07
CA PHE A 132 -12.18 12.58 -1.06
C PHE A 132 -12.18 11.70 0.18
N TYR A 133 -13.39 11.28 0.59
CA TYR A 133 -13.65 10.41 1.70
C TYR A 133 -14.93 9.67 1.36
N PRO A 134 -14.98 8.33 1.53
CA PRO A 134 -13.93 7.44 2.06
C PRO A 134 -12.71 7.28 1.14
N GLY A 135 -11.72 6.56 1.63
CA GLY A 135 -10.50 6.34 0.86
C GLY A 135 -10.61 5.19 -0.12
N ALA A 136 -11.35 5.40 -1.22
CA ALA A 136 -11.54 4.35 -2.21
C ALA A 136 -12.00 4.99 -3.51
N VAL A 137 -11.16 4.92 -4.54
CA VAL A 137 -11.52 5.36 -5.88
C VAL A 137 -11.09 4.30 -6.86
N THR A 138 -11.77 4.26 -8.01
CA THR A 138 -11.34 3.49 -9.17
C THR A 138 -11.10 4.47 -10.29
N VAL A 139 -10.02 4.26 -11.05
CA VAL A 139 -9.63 5.16 -12.12
C VAL A 139 -9.68 4.41 -13.43
N ALA A 140 -10.35 4.99 -14.42
CA ALA A 140 -10.38 4.46 -15.78
C ALA A 140 -9.86 5.52 -16.72
N TRP A 141 -9.15 5.09 -17.76
CA TRP A 141 -8.62 5.99 -18.77
C TRP A 141 -9.32 5.74 -20.11
N LYS A 142 -9.50 6.82 -20.87
CA LYS A 142 -10.12 6.80 -22.20
C LYS A 142 -9.21 7.46 -23.23
N ALA A 143 -9.02 6.77 -24.34
CA ALA A 143 -8.38 7.35 -25.51
C ALA A 143 -9.49 7.68 -26.50
N ASP A 144 -9.74 8.97 -26.71
CA ASP A 144 -10.99 9.42 -27.32
C ASP A 144 -12.15 8.83 -26.53
N SER A 145 -12.75 7.78 -27.07
CA SER A 145 -13.91 7.16 -26.46
C SER A 145 -13.69 5.71 -26.04
N SER A 146 -12.51 5.13 -26.33
CA SER A 146 -12.27 3.72 -26.07
C SER A 146 -11.42 3.53 -24.83
N PRO A 147 -11.66 2.48 -24.06
CA PRO A 147 -10.89 2.28 -22.83
C PRO A 147 -9.42 1.99 -23.12
N VAL A 148 -8.57 2.45 -22.21
CA VAL A 148 -7.13 2.20 -22.25
C VAL A 148 -6.74 1.50 -20.96
N LYS A 149 -6.08 0.34 -21.09
CA LYS A 149 -5.66 -0.43 -19.93
C LYS A 149 -4.14 -0.52 -19.78
N ALA A 150 -3.38 -0.36 -20.87
CA ALA A 150 -1.92 -0.49 -20.84
C ALA A 150 -1.26 0.82 -20.48
N GLY A 151 -0.18 0.74 -19.70
CA GLY A 151 0.58 1.91 -19.31
C GLY A 151 0.01 2.69 -18.15
N VAL A 152 -0.91 2.10 -17.39
CA VAL A 152 -1.57 2.79 -16.29
C VAL A 152 -0.97 2.32 -14.98
N GLU A 153 -0.58 3.28 -14.13
CA GLU A 153 -0.13 2.99 -12.77
C GLU A 153 -0.91 3.89 -11.82
N THR A 154 -1.65 3.28 -10.90
CA THR A 154 -2.48 4.01 -9.95
C THR A 154 -2.02 3.70 -8.53
N THR A 155 -1.94 4.74 -7.71
CA THR A 155 -1.53 4.61 -6.33
C THR A 155 -2.72 4.23 -5.45
N THR A 156 -2.42 3.56 -4.34
CA THR A 156 -3.43 3.36 -3.31
C THR A 156 -3.72 4.70 -2.62
N PRO A 157 -4.95 4.91 -2.17
CA PRO A 157 -5.28 6.19 -1.51
C PRO A 157 -4.45 6.39 -0.25
N SER A 158 -4.19 7.67 0.06
CA SER A 158 -3.42 8.05 1.23
C SER A 158 -4.06 9.25 1.88
N LYS A 159 -3.82 9.40 3.18
CA LYS A 159 -4.48 10.41 3.99
C LYS A 159 -3.73 11.74 3.93
N GLN A 160 -4.44 12.82 3.58
CA GLN A 160 -3.87 14.16 3.62
C GLN A 160 -3.92 14.70 5.05
N SER A 161 -3.37 15.91 5.22
CA SER A 161 -3.34 16.54 6.55
C SER A 161 -4.73 16.92 7.02
N ASN A 162 -5.69 17.11 6.12
CA ASN A 162 -7.06 17.44 6.47
C ASN A 162 -7.95 16.19 6.61
N ASN A 163 -7.34 15.01 6.78
CA ASN A 163 -7.99 13.73 7.03
C ASN A 163 -8.79 13.20 5.85
N LYS A 164 -8.89 13.94 4.75
CA LYS A 164 -9.42 13.37 3.52
C LYS A 164 -8.29 12.62 2.80
N TYR A 165 -8.61 11.97 1.69
CA TYR A 165 -7.67 11.08 1.03
C TYR A 165 -7.26 11.62 -0.33
N ALA A 166 -6.08 11.19 -0.79
CA ALA A 166 -5.54 11.58 -2.08
C ALA A 166 -4.97 10.36 -2.79
N ALA A 167 -5.04 10.40 -4.11
CA ALA A 167 -4.49 9.34 -4.95
C ALA A 167 -4.11 9.96 -6.29
N SER A 168 -3.34 9.20 -7.07
CA SER A 168 -2.92 9.70 -8.38
C SER A 168 -2.78 8.53 -9.34
N SER A 169 -2.91 8.83 -10.63
CA SER A 169 -2.82 7.83 -11.68
C SER A 169 -1.98 8.37 -12.83
N TYR A 170 -1.12 7.52 -13.38
CA TYR A 170 -0.15 7.91 -14.39
C TYR A 170 -0.34 7.04 -15.63
N LEU A 171 -0.63 7.67 -16.76
CA LEU A 171 -0.79 6.98 -18.04
C LEU A 171 0.45 7.25 -18.89
N SER A 172 1.24 6.22 -19.14
CA SER A 172 2.45 6.32 -19.94
C SER A 172 2.13 6.01 -21.40
N LEU A 173 2.33 6.99 -22.27
CA LEU A 173 2.18 6.79 -23.71
C LEU A 173 3.48 7.08 -24.41
N THR A 174 3.57 6.62 -25.65
CA THR A 174 4.55 7.16 -26.57
C THR A 174 3.99 8.44 -27.16
N PRO A 175 4.86 9.34 -27.65
CA PRO A 175 4.35 10.59 -28.24
C PRO A 175 3.37 10.36 -29.37
N GLU A 176 3.59 9.34 -30.20
CA GLU A 176 2.72 9.11 -31.36
C GLU A 176 1.30 8.75 -30.92
N GLN A 177 1.15 7.87 -29.93
CA GLN A 177 -0.18 7.54 -29.44
C GLN A 177 -0.87 8.76 -28.85
N TRP A 178 -0.10 9.60 -28.15
CA TRP A 178 -0.65 10.84 -27.60
C TRP A 178 -1.15 11.75 -28.72
N LYS A 179 -0.43 11.78 -29.84
CA LYS A 179 -0.76 12.67 -30.94
C LYS A 179 -1.78 12.09 -31.92
N SER A 180 -2.01 10.78 -31.88
CA SER A 180 -2.93 10.13 -32.80
C SER A 180 -4.38 10.11 -32.28
N HIS A 181 -4.62 10.67 -31.10
CA HIS A 181 -5.96 10.83 -30.57
C HIS A 181 -6.21 12.31 -30.32
N LYS A 182 -7.47 12.72 -30.41
CA LYS A 182 -7.81 14.12 -30.17
C LYS A 182 -8.08 14.43 -28.70
N SER A 183 -8.19 13.43 -27.84
CA SER A 183 -8.34 13.68 -26.41
C SER A 183 -8.13 12.40 -25.63
N TYR A 184 -7.70 12.56 -24.37
CA TYR A 184 -7.65 11.49 -23.39
C TYR A 184 -8.42 11.94 -22.15
N SER A 185 -9.06 10.98 -21.47
CA SER A 185 -9.87 11.29 -20.30
C SER A 185 -9.44 10.46 -19.10
N CYS A 186 -9.53 11.06 -17.92
CA CYS A 186 -9.33 10.37 -16.65
C CYS A 186 -10.67 10.34 -15.92
N GLN A 187 -11.29 9.18 -15.81
CA GLN A 187 -12.56 9.07 -15.10
C GLN A 187 -12.35 8.42 -13.74
N VAL A 188 -12.73 9.14 -12.70
CA VAL A 188 -12.54 8.74 -11.31
C VAL A 188 -13.92 8.46 -10.74
N THR A 189 -14.15 7.21 -10.32
CA THR A 189 -15.41 6.77 -9.74
C THR A 189 -15.26 6.70 -8.23
N HIS A 190 -16.19 7.34 -7.52
CA HIS A 190 -16.19 7.36 -6.06
C HIS A 190 -17.60 7.16 -5.58
N GLU A 191 -17.85 6.04 -4.89
CA GLU A 191 -19.16 5.71 -4.34
C GLU A 191 -20.24 5.66 -5.41
N GLY A 192 -19.89 5.10 -6.57
CA GLY A 192 -20.84 4.95 -7.66
C GLY A 192 -21.12 6.19 -8.47
N SER A 193 -20.39 7.28 -8.24
CA SER A 193 -20.60 8.52 -8.99
C SER A 193 -19.27 8.96 -9.59
N THR A 194 -19.30 9.27 -10.89
CA THR A 194 -18.08 9.48 -11.67
C THR A 194 -17.78 10.96 -11.85
N VAL A 195 -16.51 11.30 -11.82
CA VAL A 195 -16.02 12.61 -12.24
C VAL A 195 -14.96 12.38 -13.31
N GLU A 196 -15.07 13.12 -14.41
CA GLU A 196 -14.21 12.97 -15.57
C GLU A 196 -13.48 14.27 -15.86
N LYS A 197 -12.24 14.16 -16.32
CA LYS A 197 -11.48 15.29 -16.84
C LYS A 197 -10.77 14.84 -18.11
N THR A 198 -10.63 15.76 -19.07
CA THR A 198 -10.06 15.45 -20.38
C THR A 198 -9.01 16.48 -20.76
N VAL A 199 -8.05 16.04 -21.58
CA VAL A 199 -6.98 16.90 -22.09
C VAL A 199 -6.77 16.55 -23.56
N ALA A 200 -6.15 17.46 -24.29
CA ALA A 200 -5.99 17.31 -25.73
C ALA A 200 -4.60 17.74 -26.16
N PRO A 201 -4.04 17.09 -27.18
CA PRO A 201 -2.76 17.56 -27.75
C PRO A 201 -2.87 19.00 -28.23
N THR A 202 -1.78 19.74 -28.03
CA THR A 202 -1.76 21.17 -28.33
C THR A 202 -1.27 21.43 -29.75
N GLN B 1 7.74 -10.55 29.42
CA GLN B 1 6.81 -10.29 28.32
C GLN B 1 7.13 -11.18 27.14
N VAL B 2 6.11 -11.84 26.61
CA VAL B 2 6.27 -12.77 25.49
C VAL B 2 6.31 -11.97 24.19
N GLN B 3 7.42 -12.07 23.47
CA GLN B 3 7.59 -11.24 22.28
C GLN B 3 8.53 -11.94 21.30
N LEU B 4 8.45 -11.51 20.05
CA LEU B 4 9.38 -11.88 18.99
C LEU B 4 9.87 -10.60 18.33
N VAL B 5 11.17 -10.50 18.10
CA VAL B 5 11.78 -9.32 17.52
C VAL B 5 12.63 -9.74 16.33
N GLN B 6 12.43 -9.08 15.19
CA GLN B 6 13.00 -9.50 13.92
C GLN B 6 14.08 -8.51 13.46
N SER B 7 14.84 -8.96 12.45
CA SER B 7 15.90 -8.15 11.88
C SER B 7 15.35 -7.06 10.96
N ARG B 8 16.22 -6.12 10.59
CA ARG B 8 15.84 -4.94 9.83
C ARG B 8 15.48 -5.29 8.39
N ALA B 9 14.81 -4.34 7.73
CA ALA B 9 14.35 -4.55 6.36
C ALA B 9 15.53 -4.71 5.40
N GLU B 10 15.27 -5.38 4.28
CA GLU B 10 16.30 -5.72 3.31
C GLU B 10 15.84 -5.37 1.90
N VAL B 11 16.75 -4.81 1.11
CA VAL B 11 16.54 -4.59 -0.32
C VAL B 11 17.53 -5.47 -1.07
N LYS B 12 17.00 -6.39 -1.88
CA LYS B 12 17.81 -7.42 -2.52
C LYS B 12 17.66 -7.37 -4.03
N LYS B 13 18.75 -7.68 -4.74
CA LYS B 13 18.67 -7.84 -6.18
C LYS B 13 18.06 -9.20 -6.53
N PRO B 14 17.38 -9.30 -7.67
CA PRO B 14 16.87 -10.60 -8.11
C PRO B 14 17.97 -11.66 -8.12
N GLY B 15 17.63 -12.84 -7.62
CA GLY B 15 18.58 -13.93 -7.56
C GLY B 15 19.41 -13.98 -6.30
N ALA B 16 19.38 -12.93 -5.47
CA ALA B 16 20.09 -12.98 -4.20
C ALA B 16 19.35 -13.86 -3.21
N SER B 17 19.89 -13.97 -2.01
CA SER B 17 19.20 -14.61 -0.90
C SER B 17 19.10 -13.62 0.26
N VAL B 18 18.14 -13.88 1.15
CA VAL B 18 17.92 -13.08 2.33
C VAL B 18 17.74 -14.02 3.53
N LYS B 19 18.37 -13.68 4.65
CA LYS B 19 18.27 -14.44 5.88
C LYS B 19 17.66 -13.55 6.96
N VAL B 20 16.41 -13.80 7.31
CA VAL B 20 15.69 -13.02 8.31
C VAL B 20 15.80 -13.72 9.65
N SER B 21 16.10 -12.96 10.70
CA SER B 21 16.23 -13.50 12.05
C SER B 21 15.04 -13.08 12.90
N CYS B 22 14.83 -13.83 13.98
CA CYS B 22 13.67 -13.65 14.85
C CYS B 22 14.06 -14.08 16.25
N GLU B 23 14.28 -13.11 17.14
CA GLU B 23 14.66 -13.40 18.52
C GLU B 23 13.42 -13.44 19.39
N ALA B 24 13.25 -14.53 20.13
CA ALA B 24 12.15 -14.70 21.06
C ALA B 24 12.62 -14.45 22.49
N SER B 25 11.72 -13.90 23.30
CA SER B 25 12.01 -13.70 24.71
C SER B 25 10.70 -13.77 25.48
N GLY B 26 10.81 -14.03 26.78
CA GLY B 26 9.64 -14.11 27.62
C GLY B 26 8.95 -15.46 27.65
N TYR B 27 9.53 -16.48 27.03
CA TYR B 27 8.99 -17.84 27.10
C TYR B 27 10.11 -18.81 26.72
N ASN B 28 9.77 -20.11 26.71
CA ASN B 28 10.76 -21.16 26.44
C ASN B 28 10.79 -21.46 24.95
N PHE B 29 11.89 -21.06 24.30
CA PHE B 29 11.99 -21.07 22.84
C PHE B 29 11.77 -22.47 22.26
N VAL B 30 12.37 -23.49 22.88
CA VAL B 30 12.32 -24.82 22.29
C VAL B 30 10.96 -25.49 22.40
N ASP B 31 10.01 -24.86 23.12
CA ASP B 31 8.73 -25.50 23.40
C ASP B 31 7.64 -25.20 22.38
N HIS B 32 7.87 -24.27 21.45
CA HIS B 32 6.82 -23.84 20.55
C HIS B 32 7.36 -23.72 19.13
N TYR B 33 6.58 -24.22 18.17
CA TYR B 33 6.92 -24.09 16.76
C TYR B 33 7.05 -22.63 16.38
N ILE B 34 8.06 -22.31 15.57
CA ILE B 34 8.20 -20.99 14.99
C ILE B 34 7.62 -21.06 13.57
N HIS B 35 6.61 -20.23 13.31
CA HIS B 35 5.98 -20.17 12.00
C HIS B 35 6.43 -18.92 11.26
N TRP B 36 6.60 -19.03 9.95
CA TRP B 36 6.94 -17.90 9.10
C TRP B 36 5.80 -17.62 8.14
N VAL B 37 5.30 -16.39 8.15
CA VAL B 37 4.20 -15.97 7.29
C VAL B 37 4.60 -14.69 6.56
N ARG B 38 4.43 -14.67 5.25
CA ARG B 38 4.77 -13.53 4.43
C ARG B 38 3.50 -12.90 3.87
N GLN B 39 3.55 -11.59 3.66
CA GLN B 39 2.38 -10.86 3.18
C GLN B 39 2.84 -9.85 2.13
N ALA B 40 2.60 -10.16 0.86
CA ALA B 40 2.82 -9.19 -0.19
C ALA B 40 1.94 -7.97 0.08
N PRO B 41 2.40 -6.76 -0.28
CA PRO B 41 1.62 -5.56 -0.01
C PRO B 41 0.19 -5.64 -0.54
N GLY B 42 -0.79 -5.50 0.35
CA GLY B 42 -2.19 -5.52 -0.04
C GLY B 42 -2.75 -6.89 -0.34
N GLN B 43 -2.02 -7.97 -0.06
CA GLN B 43 -2.46 -9.33 -0.33
C GLN B 43 -2.78 -10.05 0.97
N ARG B 44 -3.11 -11.36 0.84
CA ARG B 44 -3.38 -12.18 2.02
C ARG B 44 -2.11 -12.82 2.54
N PRO B 45 -2.01 -13.00 3.86
CA PRO B 45 -0.84 -13.66 4.42
C PRO B 45 -0.64 -15.03 3.81
N GLN B 46 0.61 -15.39 3.58
CA GLN B 46 0.98 -16.67 2.99
C GLN B 46 1.87 -17.41 3.97
N TRP B 47 1.39 -18.55 4.46
CA TRP B 47 2.17 -19.39 5.35
C TRP B 47 3.36 -19.98 4.61
N VAL B 48 4.56 -19.77 5.14
CA VAL B 48 5.78 -20.29 4.52
C VAL B 48 6.20 -21.63 5.10
N GLY B 49 6.05 -21.82 6.39
CA GLY B 49 6.45 -23.07 7.03
C GLY B 49 6.60 -22.88 8.53
N TRP B 50 6.87 -24.00 9.20
CA TRP B 50 7.21 -23.95 10.62
C TRP B 50 8.53 -24.66 10.87
N MET B 51 9.12 -24.33 12.02
CA MET B 51 10.36 -24.93 12.48
C MET B 51 10.22 -25.31 13.94
N ASN B 52 10.49 -26.59 14.25
CA ASN B 52 10.48 -27.07 15.63
C ASN B 52 11.84 -26.77 16.25
N PRO B 53 11.94 -25.79 17.16
CA PRO B 53 13.27 -25.41 17.69
C PRO B 53 13.88 -26.45 18.62
N ARG B 54 13.13 -27.44 19.08
CA ARG B 54 13.70 -28.47 19.95
C ARG B 54 14.71 -29.32 19.18
N GLY B 55 14.31 -29.86 18.04
CA GLY B 55 15.17 -30.74 17.28
C GLY B 55 15.52 -30.23 15.89
N GLY B 56 15.10 -28.99 15.59
CA GLY B 56 15.41 -28.37 14.33
C GLY B 56 14.56 -28.81 13.15
N GLY B 57 13.59 -29.69 13.38
CA GLY B 57 12.76 -30.17 12.28
C GLY B 57 11.97 -29.05 11.64
N VAL B 58 11.65 -29.24 10.36
CA VAL B 58 10.98 -28.22 9.56
C VAL B 58 9.89 -28.86 8.72
N ASN B 59 8.90 -28.05 8.36
CA ASN B 59 7.95 -28.40 7.32
C ASN B 59 7.67 -27.14 6.51
N TYR B 60 7.91 -27.20 5.21
CA TYR B 60 7.75 -26.07 4.32
C TYR B 60 6.52 -26.25 3.46
N ALA B 61 5.84 -25.14 3.16
CA ALA B 61 4.81 -25.15 2.13
C ALA B 61 5.42 -25.59 0.81
N GLN B 62 4.60 -26.26 -0.01
CA GLN B 62 5.11 -26.93 -1.19
C GLN B 62 5.84 -25.96 -2.13
N ARG B 63 5.30 -24.76 -2.30
CA ARG B 63 5.87 -23.85 -3.29
C ARG B 63 7.18 -23.19 -2.85
N PHE B 64 7.68 -23.52 -1.65
CA PHE B 64 8.98 -23.05 -1.21
C PHE B 64 10.01 -24.16 -1.02
N GLN B 65 9.61 -25.42 -1.14
CA GLN B 65 10.55 -26.52 -0.90
C GLN B 65 11.73 -26.43 -1.85
N GLY B 66 12.93 -26.62 -1.31
CA GLY B 66 14.14 -26.47 -2.06
C GLY B 66 14.66 -25.05 -2.15
N ARG B 67 13.86 -24.08 -1.72
CA ARG B 67 14.21 -22.67 -1.80
C ARG B 67 14.30 -21.98 -0.45
N VAL B 68 13.58 -22.48 0.56
CA VAL B 68 13.59 -21.88 1.89
C VAL B 68 14.34 -22.81 2.85
N THR B 69 14.95 -22.21 3.86
CA THR B 69 15.73 -22.95 4.85
C THR B 69 15.48 -22.33 6.21
N MET B 70 15.02 -23.11 7.17
CA MET B 70 14.69 -22.62 8.50
C MET B 70 15.62 -23.28 9.51
N THR B 71 16.37 -22.46 10.24
CA THR B 71 17.32 -22.94 11.24
C THR B 71 17.11 -22.17 12.54
N ARG B 72 17.83 -22.59 13.58
CA ARG B 72 17.65 -22.01 14.90
C ARG B 72 18.96 -22.06 15.66
N ASP B 73 19.11 -21.15 16.62
CA ASP B 73 20.19 -21.17 17.59
C ASP B 73 19.56 -21.13 18.97
N THR B 74 19.39 -22.30 19.60
CA THR B 74 18.73 -22.35 20.90
C THR B 74 19.52 -21.61 21.98
N SER B 75 20.82 -21.40 21.79
CA SER B 75 21.63 -20.77 22.82
C SER B 75 21.36 -19.27 22.95
N ILE B 76 20.81 -18.62 21.92
CA ILE B 76 20.42 -17.23 21.99
C ILE B 76 18.93 -17.02 21.67
N ASP B 77 18.18 -18.11 21.49
CA ASP B 77 16.71 -18.06 21.34
C ASP B 77 16.28 -17.33 20.08
N THR B 78 17.01 -17.51 18.98
CA THR B 78 16.67 -16.87 17.72
C THR B 78 16.54 -17.90 16.62
N ALA B 79 15.44 -17.80 15.86
CA ALA B 79 15.21 -18.61 14.67
C ALA B 79 15.56 -17.80 13.43
N TYR B 80 15.90 -18.51 12.35
CA TYR B 80 16.27 -17.90 11.09
C TYR B 80 15.43 -18.47 9.97
N MET B 81 15.24 -17.67 8.91
CA MET B 81 14.59 -18.12 7.69
C MET B 81 15.35 -17.56 6.50
N GLN B 82 15.87 -18.45 5.67
CA GLN B 82 16.64 -18.06 4.49
C GLN B 82 15.85 -18.44 3.25
N LEU B 83 15.57 -17.45 2.39
CA LEU B 83 14.91 -17.66 1.12
C LEU B 83 15.89 -17.34 0.00
N ASN B 84 16.03 -18.27 -0.95
CA ASN B 84 17.06 -18.20 -1.97
C ASN B 84 16.47 -17.86 -3.33
N ARG B 85 17.36 -17.47 -4.24
CA ARG B 85 17.02 -17.14 -5.63
C ARG B 85 15.77 -16.27 -5.70
N LEU B 86 15.88 -15.10 -5.08
CA LEU B 86 14.74 -14.21 -4.92
C LEU B 86 14.29 -13.63 -6.25
N THR B 87 12.98 -13.47 -6.41
CA THR B 87 12.39 -12.72 -7.51
C THR B 87 11.44 -11.68 -6.93
N SER B 88 10.87 -10.86 -7.82
CA SER B 88 9.97 -9.80 -7.37
C SER B 88 8.72 -10.36 -6.71
N GLY B 89 8.33 -11.59 -7.08
CA GLY B 89 7.21 -12.23 -6.42
C GLY B 89 7.44 -12.56 -4.97
N ASP B 90 8.68 -12.46 -4.49
CA ASP B 90 8.99 -12.66 -3.08
C ASP B 90 9.01 -11.37 -2.28
N THR B 91 8.73 -10.22 -2.92
CA THR B 91 8.65 -8.96 -2.21
C THR B 91 7.46 -8.98 -1.26
N ALA B 92 7.70 -8.77 0.03
CA ALA B 92 6.66 -8.91 1.03
C ALA B 92 7.24 -8.55 2.39
N VAL B 93 6.34 -8.32 3.35
CA VAL B 93 6.71 -8.31 4.76
C VAL B 93 6.74 -9.75 5.26
N TYR B 94 7.84 -10.14 5.90
CA TYR B 94 8.01 -11.50 6.41
C TYR B 94 7.88 -11.50 7.93
N TYR B 95 6.99 -12.34 8.45
CA TYR B 95 6.71 -12.39 9.87
C TYR B 95 7.13 -13.74 10.43
N CYS B 96 7.66 -13.73 11.65
CA CYS B 96 7.69 -14.95 12.45
C CYS B 96 6.54 -14.89 13.43
N ALA B 97 5.96 -16.06 13.71
CA ALA B 97 4.80 -16.12 14.58
C ALA B 97 4.84 -17.44 15.35
N THR B 98 4.07 -17.50 16.42
CA THR B 98 4.12 -18.65 17.31
C THR B 98 2.90 -18.58 18.23
N GLN B 99 2.56 -19.73 18.82
CA GLN B 99 1.46 -19.83 19.76
C GLN B 99 2.02 -20.12 21.15
N VAL B 100 1.67 -19.28 22.12
CA VAL B 100 2.24 -19.39 23.46
C VAL B 100 1.16 -19.23 24.52
N LYS B 101 0.55 -18.05 24.59
CA LYS B 101 -0.37 -17.71 25.68
C LYS B 101 -1.79 -18.21 25.43
N LEU B 102 -2.01 -19.09 24.47
CA LEU B 102 -3.36 -19.50 24.12
C LEU B 102 -3.75 -20.77 24.86
N ASP B 103 -5.05 -20.88 25.15
CA ASP B 103 -5.65 -22.11 25.64
C ASP B 103 -6.18 -22.90 24.46
N SER B 104 -5.24 -23.36 23.63
CA SER B 104 -5.56 -23.99 22.36
C SER B 104 -5.00 -25.41 22.28
N SER B 105 -5.69 -26.25 21.52
CA SER B 105 -5.26 -27.62 21.30
C SER B 105 -4.44 -27.80 20.02
N ALA B 106 -4.43 -26.80 19.14
CA ALA B 106 -4.00 -27.00 17.76
C ALA B 106 -2.57 -26.54 17.48
N GLY B 107 -2.10 -25.46 18.10
CA GLY B 107 -0.89 -24.82 17.64
C GLY B 107 -1.11 -23.84 16.52
N TYR B 108 -2.33 -23.75 16.00
CA TYR B 108 -2.88 -22.69 15.19
C TYR B 108 -4.13 -22.16 15.89
N PRO B 109 -4.42 -20.86 15.85
CA PRO B 109 -3.70 -19.75 15.21
C PRO B 109 -2.58 -19.17 16.09
N PHE B 110 -1.97 -18.07 15.66
CA PHE B 110 -0.79 -17.53 16.30
C PHE B 110 -1.14 -16.24 17.05
N ASP B 111 -0.76 -16.18 18.33
CA ASP B 111 -1.01 -14.99 19.14
C ASP B 111 0.21 -14.10 19.29
N ILE B 112 1.41 -14.63 19.09
CA ILE B 112 2.64 -13.84 19.15
C ILE B 112 3.17 -13.68 17.74
N TRP B 113 3.48 -12.44 17.36
CA TRP B 113 3.96 -12.11 16.04
C TRP B 113 5.18 -11.21 16.15
N GLY B 114 6.19 -11.47 15.33
CA GLY B 114 7.22 -10.49 15.13
C GLY B 114 6.66 -9.23 14.48
N GLN B 115 7.45 -8.15 14.53
CA GLN B 115 7.00 -6.89 13.97
C GLN B 115 7.06 -6.86 12.45
N GLY B 116 7.62 -7.89 11.82
CA GLY B 116 7.71 -7.93 10.38
C GLY B 116 9.05 -7.49 9.85
N THR B 117 9.53 -8.14 8.80
CA THR B 117 10.73 -7.73 8.08
C THR B 117 10.36 -7.53 6.63
N MET B 118 10.34 -6.28 6.19
CA MET B 118 10.10 -5.98 4.78
C MET B 118 11.28 -6.45 3.95
N VAL B 119 11.00 -7.30 2.96
CA VAL B 119 12.00 -7.72 1.99
C VAL B 119 11.53 -7.22 0.63
N THR B 120 12.29 -6.29 0.04
CA THR B 120 11.98 -5.75 -1.27
C THR B 120 13.00 -6.31 -2.27
N VAL B 121 12.52 -6.98 -3.30
CA VAL B 121 13.36 -7.55 -4.36
C VAL B 121 13.16 -6.69 -5.60
N SER B 122 14.21 -5.99 -6.03
CA SER B 122 14.10 -5.08 -7.16
C SER B 122 15.43 -5.01 -7.90
N SER B 123 15.34 -4.85 -9.22
CA SER B 123 16.49 -4.60 -10.07
C SER B 123 16.87 -3.14 -10.15
N ALA B 124 16.03 -2.25 -9.60
CA ALA B 124 16.32 -0.83 -9.66
C ALA B 124 17.61 -0.50 -8.94
N SER B 125 18.41 0.37 -9.55
CA SER B 125 19.60 0.94 -8.94
C SER B 125 19.36 2.42 -8.68
N THR B 126 20.19 2.99 -7.81
CA THR B 126 20.00 4.37 -7.37
C THR B 126 20.07 5.32 -8.56
N LYS B 127 19.03 6.14 -8.73
CA LYS B 127 18.91 6.99 -9.90
C LYS B 127 18.16 8.26 -9.53
N GLY B 128 18.74 9.41 -9.87
CA GLY B 128 18.09 10.68 -9.69
C GLY B 128 16.95 10.88 -10.66
N PRO B 129 16.00 11.73 -10.31
CA PRO B 129 14.79 11.87 -11.13
C PRO B 129 14.99 12.83 -12.29
N SER B 130 14.11 12.68 -13.28
CA SER B 130 13.92 13.67 -14.33
C SER B 130 12.68 14.50 -13.96
N VAL B 131 12.85 15.82 -13.88
CA VAL B 131 11.78 16.72 -13.47
C VAL B 131 11.18 17.36 -14.71
N PHE B 132 9.85 17.34 -14.80
CA PHE B 132 9.12 17.88 -15.93
C PHE B 132 8.07 18.86 -15.40
N PRO B 133 7.92 20.02 -16.04
CA PRO B 133 6.89 20.96 -15.61
C PRO B 133 5.50 20.46 -15.97
N LEU B 134 4.52 20.90 -15.19
CA LEU B 134 3.11 20.67 -15.49
C LEU B 134 2.47 22.05 -15.58
N ALA B 135 2.27 22.53 -16.80
CA ALA B 135 2.02 23.94 -17.00
C ALA B 135 0.57 24.29 -16.66
N PRO B 136 0.34 25.46 -16.07
CA PRO B 136 -1.03 25.97 -15.93
C PRO B 136 -1.68 26.12 -17.29
N SER B 137 -2.99 25.91 -17.33
CA SER B 137 -3.76 26.05 -18.56
C SER B 137 -5.15 26.55 -18.21
N SER B 138 -5.94 26.84 -19.24
CA SER B 138 -7.33 27.19 -19.02
C SER B 138 -8.11 26.03 -18.42
N LYS B 139 -7.66 24.79 -18.68
CA LYS B 139 -8.32 23.63 -18.10
C LYS B 139 -7.99 23.48 -16.61
N SER B 140 -6.82 23.96 -16.18
CA SER B 140 -6.53 24.00 -14.76
C SER B 140 -7.26 25.14 -14.07
N THR B 141 -7.34 26.30 -14.72
CA THR B 141 -7.81 27.52 -14.08
C THR B 141 -9.31 27.45 -13.78
N SER B 142 -9.68 27.84 -12.55
CA SER B 142 -11.08 27.87 -12.12
C SER B 142 -11.21 28.89 -11.00
N GLY B 143 -12.16 29.81 -11.16
CA GLY B 143 -12.42 30.80 -10.13
C GLY B 143 -11.25 31.67 -9.77
N GLY B 144 -10.37 31.96 -10.74
CA GLY B 144 -9.20 32.78 -10.48
C GLY B 144 -8.01 32.03 -9.93
N THR B 145 -8.11 30.72 -9.75
CA THR B 145 -7.01 29.89 -9.27
C THR B 145 -6.49 29.02 -10.41
N ALA B 146 -5.17 29.02 -10.60
CA ALA B 146 -4.53 28.15 -11.57
C ALA B 146 -3.75 27.07 -10.83
N ALA B 147 -3.78 25.86 -11.37
CA ALA B 147 -3.05 24.73 -10.82
C ALA B 147 -1.85 24.46 -11.71
N LEU B 148 -0.66 24.49 -11.12
CA LEU B 148 0.57 24.12 -11.81
C LEU B 148 1.34 23.16 -10.93
N GLY B 149 2.27 22.45 -11.53
CA GLY B 149 3.12 21.58 -10.74
C GLY B 149 4.28 21.06 -11.54
N CYS B 150 4.95 20.06 -10.98
CA CYS B 150 5.99 19.36 -11.71
C CYS B 150 5.93 17.87 -11.43
N LEU B 151 6.33 17.11 -12.44
CA LEU B 151 6.29 15.67 -12.42
C LEU B 151 7.70 15.16 -12.14
N VAL B 152 7.91 14.59 -10.96
CA VAL B 152 9.20 14.04 -10.57
C VAL B 152 9.18 12.57 -10.94
N LYS B 153 9.88 12.22 -12.02
CA LYS B 153 9.68 10.97 -12.72
C LYS B 153 10.89 10.06 -12.59
N ASP B 154 10.63 8.78 -12.28
CA ASP B 154 11.61 7.71 -12.45
C ASP B 154 12.83 7.88 -11.53
N TYR B 155 12.63 7.90 -10.22
CA TYR B 155 13.75 7.94 -9.30
C TYR B 155 13.72 6.71 -8.40
N PHE B 156 14.86 6.44 -7.76
CA PHE B 156 14.98 5.30 -6.84
C PHE B 156 16.18 5.52 -5.94
N PRO B 157 16.06 5.27 -4.63
CA PRO B 157 14.78 4.89 -4.02
C PRO B 157 14.07 6.11 -3.45
N GLU B 158 13.05 5.87 -2.63
CA GLU B 158 12.45 6.97 -1.90
C GLU B 158 13.49 7.53 -0.92
N PRO B 159 13.33 8.78 -0.49
CA PRO B 159 12.31 9.76 -0.88
C PRO B 159 12.87 10.89 -1.74
N VAL B 160 12.00 11.76 -2.21
CA VAL B 160 12.39 13.06 -2.74
C VAL B 160 11.63 14.12 -1.96
N THR B 161 12.25 15.28 -1.80
CA THR B 161 11.60 16.44 -1.21
C THR B 161 11.34 17.45 -2.31
N VAL B 162 10.11 17.93 -2.39
CA VAL B 162 9.72 18.94 -3.37
C VAL B 162 9.38 20.22 -2.61
N SER B 163 9.89 21.34 -3.12
CA SER B 163 9.57 22.66 -2.58
C SER B 163 9.40 23.63 -3.74
N TRP B 164 8.82 24.78 -3.43
CA TRP B 164 8.46 25.76 -4.46
C TRP B 164 9.09 27.09 -4.14
N ASN B 165 9.87 27.63 -5.08
CA ASN B 165 10.59 28.89 -4.90
C ASN B 165 11.45 28.85 -3.65
N SER B 166 12.15 27.74 -3.45
CA SER B 166 13.01 27.51 -2.28
C SER B 166 12.22 27.54 -0.98
N GLY B 167 11.01 26.95 -1.00
CA GLY B 167 10.18 26.93 0.17
C GLY B 167 9.55 28.26 0.55
N ALA B 168 9.75 29.31 -0.23
CA ALA B 168 9.06 30.58 0.02
C ALA B 168 7.57 30.44 -0.27
N LEU B 169 7.21 29.59 -1.22
CA LEU B 169 5.82 29.28 -1.53
C LEU B 169 5.48 27.96 -0.84
N THR B 170 4.59 28.02 0.15
CA THR B 170 4.18 26.83 0.89
C THR B 170 2.65 26.70 0.90
N SER B 171 1.95 27.83 0.94
CA SER B 171 0.50 27.80 0.92
C SER B 171 -0.02 27.20 -0.38
N GLY B 172 -0.98 26.30 -0.27
CA GLY B 172 -1.61 25.72 -1.44
C GLY B 172 -0.80 24.64 -2.14
N VAL B 173 0.31 24.20 -1.56
CA VAL B 173 1.15 23.18 -2.17
C VAL B 173 0.65 21.80 -1.73
N HIS B 174 0.43 20.91 -2.70
CA HIS B 174 0.07 19.53 -2.44
C HIS B 174 1.06 18.64 -3.17
N THR B 175 1.88 17.93 -2.41
CA THR B 175 2.80 16.95 -2.96
C THR B 175 2.21 15.56 -2.74
N PHE B 176 2.01 14.84 -3.81
CA PHE B 176 1.32 13.55 -3.78
C PHE B 176 2.31 12.42 -3.50
N PRO B 177 1.83 11.35 -2.85
CA PRO B 177 2.68 10.18 -2.65
C PRO B 177 3.06 9.54 -3.97
N ALA B 178 4.25 8.94 -4.00
CA ALA B 178 4.81 8.42 -5.24
C ALA B 178 4.18 7.10 -5.63
N VAL B 179 4.23 6.81 -6.92
CA VAL B 179 3.82 5.53 -7.48
C VAL B 179 5.07 4.74 -7.82
N LEU B 180 4.98 3.42 -7.66
CA LEU B 180 6.07 2.51 -8.04
C LEU B 180 5.65 1.84 -9.33
N GLN B 181 6.35 2.16 -10.42
CA GLN B 181 6.07 1.50 -11.69
C GLN B 181 6.65 0.10 -11.70
N SER B 182 6.15 -0.73 -12.62
CA SER B 182 6.74 -2.05 -12.82
C SER B 182 8.19 -1.95 -13.27
N SER B 183 8.59 -0.79 -13.82
CA SER B 183 9.99 -0.53 -14.10
C SER B 183 10.86 -0.69 -12.86
N GLY B 184 10.30 -0.44 -11.68
CA GLY B 184 11.05 -0.45 -10.44
C GLY B 184 11.36 0.93 -9.89
N LEU B 185 11.14 1.99 -10.66
CA LEU B 185 11.41 3.35 -10.23
C LEU B 185 10.12 4.06 -9.83
N TYR B 186 10.28 5.09 -9.02
CA TYR B 186 9.15 5.85 -8.50
C TYR B 186 8.90 7.10 -9.33
N SER B 187 7.68 7.62 -9.21
CA SER B 187 7.31 8.90 -9.79
C SER B 187 6.28 9.54 -8.87
N LEU B 188 6.41 10.85 -8.65
CA LEU B 188 5.41 11.59 -7.93
C LEU B 188 5.19 12.93 -8.60
N SER B 189 4.10 13.58 -8.21
CA SER B 189 3.79 14.93 -8.67
C SER B 189 3.57 15.83 -7.47
N SER B 190 3.94 17.09 -7.64
CA SER B 190 3.60 18.15 -6.71
C SER B 190 2.81 19.19 -7.47
N VAL B 191 1.69 19.63 -6.91
CA VAL B 191 0.85 20.64 -7.53
C VAL B 191 0.70 21.80 -6.55
N VAL B 192 0.75 23.03 -7.06
CA VAL B 192 0.55 24.23 -6.26
C VAL B 192 -0.50 25.09 -6.95
N THR B 193 -1.38 25.68 -6.15
CA THR B 193 -2.51 26.46 -6.64
C THR B 193 -2.27 27.93 -6.37
N VAL B 194 -2.25 28.74 -7.42
CA VAL B 194 -1.90 30.15 -7.33
C VAL B 194 -2.96 30.98 -8.02
N PRO B 195 -3.04 32.28 -7.71
CA PRO B 195 -3.94 33.15 -8.47
C PRO B 195 -3.56 33.18 -9.93
N SER B 196 -4.56 33.02 -10.80
CA SER B 196 -4.31 33.01 -12.24
C SER B 196 -3.88 34.38 -12.75
N SER B 197 -4.36 35.45 -12.12
CA SER B 197 -3.89 36.79 -12.48
C SER B 197 -2.43 36.99 -12.11
N SER B 198 -1.97 36.29 -11.07
CA SER B 198 -0.56 36.34 -10.70
C SER B 198 0.35 35.77 -11.78
N LEU B 199 -0.18 34.90 -12.65
CA LEU B 199 0.63 34.29 -13.70
C LEU B 199 1.24 35.35 -14.59
N GLY B 200 2.46 35.12 -15.04
CA GLY B 200 3.10 36.05 -15.96
C GLY B 200 3.78 37.21 -15.26
N THR B 201 3.22 37.64 -14.13
CA THR B 201 3.93 38.53 -13.22
C THR B 201 4.76 37.77 -12.20
N GLN B 202 4.42 36.52 -11.89
CA GLN B 202 5.11 35.74 -10.90
C GLN B 202 5.82 34.55 -11.51
N THR B 203 6.99 34.24 -10.97
CA THR B 203 7.84 33.14 -11.44
C THR B 203 7.75 32.01 -10.43
N TYR B 204 7.48 30.79 -10.92
CA TYR B 204 7.31 29.62 -10.06
C TYR B 204 8.33 28.56 -10.43
N ILE B 205 9.20 28.23 -9.48
CA ILE B 205 10.19 27.17 -9.62
C ILE B 205 9.86 26.07 -8.62
N CYS B 206 9.93 24.82 -9.06
CA CYS B 206 9.83 23.69 -8.14
C CYS B 206 11.22 23.11 -7.91
N ASN B 207 11.60 22.98 -6.64
CA ASN B 207 12.93 22.51 -6.25
C ASN B 207 12.83 21.06 -5.79
N VAL B 208 13.56 20.19 -6.46
CA VAL B 208 13.56 18.76 -6.18
C VAL B 208 14.94 18.38 -5.67
N ASN B 209 14.98 17.74 -4.51
CA ASN B 209 16.20 17.21 -3.92
C ASN B 209 16.04 15.72 -3.71
N HIS B 210 16.96 14.94 -4.26
CA HIS B 210 17.00 13.50 -4.09
C HIS B 210 18.31 13.19 -3.37
N LYS B 211 18.26 13.19 -2.03
CA LYS B 211 19.45 12.88 -1.25
C LYS B 211 20.08 11.52 -1.59
N PRO B 212 19.33 10.44 -1.82
CA PRO B 212 19.98 9.14 -2.10
C PRO B 212 20.86 9.13 -3.33
N SER B 213 20.30 9.45 -4.50
CA SER B 213 21.13 9.73 -5.66
C SER B 213 21.84 11.06 -5.53
N ASN B 214 21.46 11.89 -4.55
CA ASN B 214 22.24 13.09 -4.24
C ASN B 214 22.06 14.13 -5.36
N THR B 215 20.96 14.09 -6.15
CA THR B 215 20.78 15.14 -7.12
C THR B 215 19.95 16.29 -6.55
N LYS B 216 20.19 17.49 -7.08
CA LYS B 216 19.31 18.62 -6.86
C LYS B 216 18.97 19.26 -8.20
N VAL B 217 17.68 19.50 -8.44
CA VAL B 217 17.20 20.03 -9.71
C VAL B 217 16.23 21.16 -9.45
N ASP B 218 16.37 22.24 -10.24
CA ASP B 218 15.43 23.35 -10.26
C ASP B 218 14.84 23.49 -11.66
N LYS B 219 13.55 23.80 -11.73
CA LYS B 219 12.84 23.76 -13.00
C LYS B 219 11.62 24.65 -12.88
N LYS B 220 11.35 25.45 -13.91
CA LYS B 220 10.22 26.36 -13.80
C LYS B 220 9.01 25.97 -14.59
N VAL B 221 7.91 26.44 -14.08
CA VAL B 221 6.59 26.02 -14.47
C VAL B 221 5.86 27.31 -14.84
N GLU B 222 6.05 27.73 -16.08
CA GLU B 222 5.40 28.91 -16.59
C GLU B 222 4.39 28.53 -17.66
N PRO B 223 3.40 29.40 -17.94
CA PRO B 223 2.39 29.05 -18.93
C PRO B 223 3.01 28.78 -20.30
N LYS B 224 2.41 27.84 -21.02
CA LYS B 224 2.91 27.41 -22.32
C LYS B 224 2.59 28.47 -23.38
N SER B 225 2.75 28.11 -24.65
CA SER B 225 2.47 29.02 -25.75
C SER B 225 0.96 29.22 -25.95
C1 NAG C . -24.71 -9.62 10.83
C2 NAG C . -25.74 -10.63 11.34
C3 NAG C . -26.99 -10.59 10.47
C4 NAG C . -27.52 -9.16 10.40
C5 NAG C . -26.43 -8.22 9.90
C6 NAG C . -26.85 -6.77 9.86
C7 NAG C . -24.68 -12.52 12.49
C8 NAG C . -24.14 -13.91 12.34
N2 NAG C . -25.18 -11.97 11.38
O3 NAG C . -27.97 -11.47 10.99
O4 NAG C . -28.70 -9.08 9.59
O5 NAG C . -25.30 -8.30 10.78
O6 NAG C . -25.93 -5.99 9.10
O7 NAG C . -24.65 -11.92 13.56
C1 NAG C . -29.70 -8.57 10.50
C2 NAG C . -30.95 -8.12 9.75
C3 NAG C . -31.90 -7.47 10.75
C4 NAG C . -32.26 -8.48 11.83
C5 NAG C . -31.04 -9.19 12.44
C6 NAG C . -31.42 -10.45 13.17
C7 NAG C . -30.29 -7.68 7.44
C8 NAG C . -30.04 -6.64 6.39
N2 NAG C . -30.65 -7.23 8.65
O3 NAG C . -33.06 -7.01 10.08
O4 NAG C . -32.97 -7.82 12.87
O5 NAG C . -30.06 -9.59 11.45
O6 NAG C . -32.07 -11.36 12.29
O7 NAG C . -30.17 -8.88 7.21
#